data_8F6L
#
_entry.id   8F6L
#
_cell.length_a   48.961
_cell.length_b   68.600
_cell.length_c   187.321
_cell.angle_alpha   90.00
_cell.angle_beta   90.00
_cell.angle_gamma   90.00
#
_symmetry.space_group_name_H-M   'P 21 21 21'
#
loop_
_entity.id
_entity.type
_entity.pdbx_description
1 polymer 'h25F7 Fab heavy chain'
2 polymer 'h25F7 Fab light chain'
3 polymer 'B- and T-lymphocyte attenuator'
4 water water
#
loop_
_entity_poly.entity_id
_entity_poly.type
_entity_poly.pdbx_seq_one_letter_code
_entity_poly.pdbx_strand_id
1 'polypeptide(L)'
;QVQLVQSGAEVKKPGASVKVSCKASGFSLWTYAMNWVRQAPGQGLEWMGIISDDGTTYYATWAKGRVTMTRDTSTSTVYM
ELSSLRSEDTAVYYCARDAGAGGVQDYLTLWGQGTLVTVSSASTKGPSVFPLAPSSKSTSGGTAALGCLVKDYFPEPVTV
SWNSGALTSGVHTFPAVLQSSGLYSLSSVVTVPSSSLGTQTYICNVNHKPSNTKVDKKVEPKSCDGSHHHHHHHH
;
A
2 'polypeptide(L)'
;DIVMTQSPDSLAVSLGERATINCQASRNIYNFLAWYQQKPGQPPKLLIYSASTLASGVPDRFSGSGSGTDFTLTISSLQA
EDVAVYYCQQGSSNSNIDNPFGGGTKVEIKRTVAAPSVFIFPPSDEQLKSGTASVVCLLNNFYPREAKVQWKVDNALQSG
NSQESVTEQDSKDSTYSLSSTLTLSKADYEKHKVYACEVTHQGLSSPVTKSFNRGEC
;
B
3 'polypeptide(L)'
;KESCDVQLYIKRQSEHSILAGDPFELECPVKYCANRPHVTWCKLNGTTCVKLEDRQTSWKEEKNISFFILHFEPVLPNDN
GSYRCSANFQSNLIESHSTTLYVTDVKSASERPSKDEMASEFHHHHHHHH
;
C
#
# COMPACT_ATOMS: atom_id res chain seq x y z
N GLN A 1 -24.25 1.35 -10.10
CA GLN A 1 -22.94 1.15 -10.70
C GLN A 1 -22.26 -0.12 -10.22
N VAL A 2 -20.99 -0.31 -10.62
CA VAL A 2 -20.18 -1.42 -10.15
C VAL A 2 -19.52 -1.00 -8.82
N GLN A 3 -19.65 -1.84 -7.79
CA GLN A 3 -19.02 -1.56 -6.49
C GLN A 3 -18.42 -2.80 -5.84
N LEU A 4 -17.42 -2.57 -4.97
CA LEU A 4 -16.94 -3.60 -4.04
C LEU A 4 -17.03 -3.11 -2.62
N VAL A 5 -17.77 -3.84 -1.79
CA VAL A 5 -17.96 -3.44 -0.40
C VAL A 5 -17.42 -4.52 0.52
N GLN A 6 -16.40 -4.15 1.29
CA GLN A 6 -15.73 -5.11 2.20
C GLN A 6 -16.28 -5.09 3.61
N SER A 7 -16.02 -6.17 4.34
CA SER A 7 -16.40 -6.29 5.75
C SER A 7 -15.61 -5.32 6.65
N GLY A 8 -16.11 -5.11 7.87
CA GLY A 8 -15.57 -4.07 8.78
C GLY A 8 -14.24 -4.43 9.39
N ALA A 9 -13.54 -3.42 9.93
CA ALA A 9 -12.26 -3.64 10.64
C ALA A 9 -12.30 -4.77 11.67
N GLU A 10 -11.23 -5.53 11.76
CA GLU A 10 -11.12 -6.65 12.67
C GLU A 10 -9.96 -6.43 13.61
N VAL A 11 -10.11 -6.88 14.86
CA VAL A 11 -9.04 -6.87 15.84
C VAL A 11 -8.89 -8.32 16.28
N LYS A 12 -7.67 -8.86 16.20
CA LYS A 12 -7.44 -10.30 16.41
C LYS A 12 -6.26 -10.55 17.33
N LYS A 13 -6.30 -11.65 18.09
CA LYS A 13 -5.21 -12.02 18.97
C LYS A 13 -4.25 -12.93 18.17
N PRO A 14 -2.96 -12.98 18.56
CA PRO A 14 -2.01 -13.86 17.88
C PRO A 14 -2.50 -15.31 17.90
N GLY A 15 -2.43 -15.99 16.77
CA GLY A 15 -2.87 -17.40 16.71
C GLY A 15 -4.28 -17.59 16.21
N ALA A 16 -5.09 -16.53 16.20
CA ALA A 16 -6.45 -16.57 15.65
C ALA A 16 -6.44 -16.69 14.13
N SER A 17 -7.61 -16.94 13.56
CA SER A 17 -7.85 -16.78 12.13
C SER A 17 -8.77 -15.60 11.88
N VAL A 18 -8.72 -15.04 10.67
CA VAL A 18 -9.68 -14.03 10.22
C VAL A 18 -10.23 -14.42 8.85
N LYS A 19 -11.53 -14.18 8.66
CA LYS A 19 -12.19 -14.31 7.34
C LYS A 19 -12.83 -12.98 6.97
N VAL A 20 -12.23 -12.30 6.00
CA VAL A 20 -12.72 -11.02 5.51
C VAL A 20 -13.60 -11.27 4.29
N SER A 21 -14.68 -10.51 4.14
CA SER A 21 -15.52 -10.61 2.95
C SER A 21 -15.50 -9.37 2.05
N CYS A 22 -15.91 -9.59 0.80
CA CYS A 22 -15.94 -8.56 -0.21
C CYS A 22 -17.15 -8.85 -1.11
N LYS A 23 -18.20 -8.05 -0.96
CA LYS A 23 -19.42 -8.18 -1.76
C LYS A 23 -19.34 -7.34 -3.02
N ALA A 24 -19.46 -8.01 -4.16
CA ALA A 24 -19.40 -7.35 -5.48
C ALA A 24 -20.81 -7.00 -5.98
N SER A 25 -20.96 -5.78 -6.50
CA SER A 25 -22.23 -5.32 -7.07
C SER A 25 -22.07 -4.97 -8.52
N GLY A 26 -22.96 -5.50 -9.36
CA GLY A 26 -23.08 -5.06 -10.74
C GLY A 26 -22.24 -5.79 -11.77
N PHE A 27 -21.68 -6.93 -11.38
CA PHE A 27 -21.02 -7.86 -12.29
C PHE A 27 -21.02 -9.24 -11.67
N SER A 28 -20.89 -10.27 -12.50
CA SER A 28 -20.83 -11.64 -12.02
C SER A 28 -19.40 -12.05 -11.68
N LEU A 29 -19.22 -12.79 -10.59
CA LEU A 29 -17.95 -13.46 -10.29
C LEU A 29 -17.47 -14.42 -11.43
N TRP A 30 -18.34 -14.73 -12.39
CA TRP A 30 -17.95 -15.48 -13.59
CA TRP A 30 -17.95 -15.48 -13.59
C TRP A 30 -17.38 -14.61 -14.71
N THR A 31 -17.52 -13.30 -14.61
CA THR A 31 -17.03 -12.43 -15.69
C THR A 31 -15.60 -11.96 -15.38
N TYR A 32 -15.39 -11.54 -14.14
CA TYR A 32 -14.13 -10.95 -13.72
C TYR A 32 -13.61 -11.62 -12.47
N ALA A 33 -12.34 -12.03 -12.50
CA ALA A 33 -11.69 -12.63 -11.32
C ALA A 33 -11.50 -11.59 -10.21
N MET A 34 -11.31 -12.06 -8.98
CA MET A 34 -11.07 -11.19 -7.84
C MET A 34 -9.67 -11.48 -7.27
N ASN A 35 -8.96 -10.40 -6.97
CA ASN A 35 -7.64 -10.43 -6.36
C ASN A 35 -7.74 -9.98 -4.90
N TRP A 36 -6.87 -10.52 -4.07
CA TRP A 36 -6.66 -10.00 -2.72
C TRP A 36 -5.25 -9.44 -2.61
N VAL A 37 -5.15 -8.24 -2.05
CA VAL A 37 -3.88 -7.52 -1.92
C VAL A 37 -3.84 -6.92 -0.51
N ARG A 38 -2.71 -7.09 0.20
CA ARG A 38 -2.60 -6.42 1.51
C ARG A 38 -1.49 -5.36 1.55
N GLN A 39 -1.60 -4.50 2.55
CA GLN A 39 -0.64 -3.44 2.78
C GLN A 39 -0.48 -3.15 4.26
N ALA A 40 0.71 -3.45 4.77
CA ALA A 40 1.07 -3.13 6.15
C ALA A 40 1.26 -1.61 6.23
N PRO A 41 1.00 -1.00 7.42
CA PRO A 41 1.05 0.47 7.49
C PRO A 41 2.39 1.04 7.01
N GLY A 42 2.30 1.97 6.07
CA GLY A 42 3.48 2.61 5.48
C GLY A 42 4.30 1.73 4.55
N GLN A 43 3.81 0.55 4.20
CA GLN A 43 4.57 -0.39 3.35
C GLN A 43 3.93 -0.55 1.96
N GLY A 44 4.53 -1.42 1.16
CA GLY A 44 4.09 -1.62 -0.23
C GLY A 44 2.88 -2.54 -0.35
N LEU A 45 2.38 -2.66 -1.58
CA LEU A 45 1.27 -3.56 -1.87
C LEU A 45 1.82 -4.98 -2.02
N GLU A 46 1.16 -5.92 -1.36
CA GLU A 46 1.54 -7.34 -1.43
C GLU A 46 0.40 -8.13 -1.98
N TRP A 47 0.50 -8.57 -3.22
CA TRP A 47 -0.51 -9.48 -3.79
C TRP A 47 -0.54 -10.83 -3.04
N MET A 48 -1.73 -11.28 -2.67
CA MET A 48 -1.91 -12.54 -1.97
C MET A 48 -2.35 -13.67 -2.89
N GLY A 49 -3.23 -13.34 -3.84
CA GLY A 49 -3.72 -14.34 -4.78
C GLY A 49 -4.92 -13.90 -5.58
N ILE A 50 -5.46 -14.81 -6.38
CA ILE A 50 -6.58 -14.51 -7.26
C ILE A 50 -7.54 -15.69 -7.25
N ILE A 51 -8.84 -15.38 -7.33
CA ILE A 51 -9.86 -16.44 -7.46
C ILE A 51 -10.54 -16.21 -8.81
N SER A 52 -10.56 -17.25 -9.64
CA SER A 52 -10.91 -17.12 -11.06
C SER A 52 -12.41 -17.25 -11.33
N ASP A 53 -12.77 -16.98 -12.58
CA ASP A 53 -14.16 -17.10 -13.06
C ASP A 53 -14.85 -18.38 -12.58
N ASP A 54 -14.13 -19.49 -12.60
CA ASP A 54 -14.69 -20.77 -12.19
C ASP A 54 -14.35 -21.18 -10.76
N GLY A 55 -13.77 -20.26 -10.00
CA GLY A 55 -13.42 -20.55 -8.59
C GLY A 55 -12.02 -21.08 -8.31
N THR A 56 -11.24 -21.36 -9.36
CA THR A 56 -9.86 -21.85 -9.23
CA THR A 56 -9.88 -21.87 -9.16
C THR A 56 -9.00 -20.76 -8.59
N THR A 57 -8.18 -21.14 -7.60
CA THR A 57 -7.36 -20.16 -6.87
C THR A 57 -5.89 -20.31 -7.19
N TYR A 58 -5.17 -19.19 -7.20
CA TYR A 58 -3.72 -19.17 -7.37
C TYR A 58 -3.18 -18.14 -6.40
N TYR A 59 -2.13 -18.52 -5.66
CA TYR A 59 -1.63 -17.74 -4.53
C TYR A 59 -0.17 -17.35 -4.71
N ALA A 60 0.24 -16.23 -4.11
CA ALA A 60 1.67 -15.92 -3.94
C ALA A 60 2.35 -17.03 -3.12
N THR A 61 3.62 -17.31 -3.43
CA THR A 61 4.40 -18.38 -2.76
C THR A 61 4.28 -18.33 -1.23
N TRP A 62 4.53 -17.15 -0.65
CA TRP A 62 4.43 -16.93 0.80
C TRP A 62 3.06 -17.21 1.41
N ALA A 63 2.00 -17.06 0.60
CA ALA A 63 0.60 -17.18 1.03
C ALA A 63 0.09 -18.63 1.02
N LYS A 64 0.83 -19.53 0.37
CA LYS A 64 0.37 -20.93 0.23
C LYS A 64 0.34 -21.62 1.58
N GLY A 65 -0.80 -22.23 1.89
CA GLY A 65 -1.00 -22.86 3.21
C GLY A 65 -1.42 -21.92 4.34
N ARG A 66 -1.53 -20.63 4.06
CA ARG A 66 -1.91 -19.61 5.07
C ARG A 66 -3.20 -18.90 4.69
N VAL A 67 -3.35 -18.65 3.39
CA VAL A 67 -4.49 -17.92 2.84
C VAL A 67 -5.40 -18.91 2.11
N THR A 68 -6.69 -18.86 2.43
CA THR A 68 -7.71 -19.60 1.68
C THR A 68 -8.73 -18.63 1.09
N MET A 69 -8.83 -18.62 -0.23
CA MET A 69 -9.79 -17.77 -0.93
C MET A 69 -10.99 -18.61 -1.37
N THR A 70 -12.18 -18.13 -1.05
CA THR A 70 -13.43 -18.80 -1.41
C THR A 70 -14.42 -17.80 -1.98
N ARG A 71 -15.55 -18.30 -2.48
CA ARG A 71 -16.61 -17.45 -3.01
C ARG A 71 -18.02 -18.05 -2.81
N ASP A 72 -19.01 -17.18 -2.90
CA ASP A 72 -20.41 -17.57 -3.01
C ASP A 72 -20.98 -16.78 -4.18
N THR A 73 -21.18 -17.46 -5.30
CA THR A 73 -21.58 -16.75 -6.51
C THR A 73 -23.04 -16.27 -6.49
N SER A 74 -23.85 -16.81 -5.57
CA SER A 74 -25.27 -16.42 -5.46
C SER A 74 -25.46 -15.00 -4.89
N THR A 75 -24.46 -14.54 -4.14
CA THR A 75 -24.46 -13.20 -3.53
C THR A 75 -23.35 -12.32 -4.12
N SER A 76 -22.58 -12.87 -5.07
CA SER A 76 -21.37 -12.25 -5.59
C SER A 76 -20.45 -11.77 -4.44
N THR A 77 -20.21 -12.66 -3.48
CA THR A 77 -19.29 -12.39 -2.36
C THR A 77 -18.03 -13.26 -2.43
N VAL A 78 -16.86 -12.64 -2.28
CA VAL A 78 -15.59 -13.38 -2.18
C VAL A 78 -15.01 -13.26 -0.77
N TYR A 79 -14.30 -14.30 -0.32
CA TYR A 79 -13.78 -14.37 1.04
C TYR A 79 -12.30 -14.66 1.04
N MET A 80 -11.61 -14.07 2.01
CA MET A 80 -10.19 -14.31 2.24
C MET A 80 -10.05 -14.71 3.70
N GLU A 81 -9.65 -15.96 3.93
CA GLU A 81 -9.32 -16.42 5.26
C GLU A 81 -7.81 -16.56 5.45
N LEU A 82 -7.28 -15.97 6.53
CA LEU A 82 -5.85 -16.05 6.87
C LEU A 82 -5.72 -16.66 8.23
N SER A 83 -4.89 -17.71 8.33
CA SER A 83 -4.77 -18.48 9.56
C SER A 83 -3.47 -18.19 10.31
N SER A 84 -3.42 -18.61 11.58
CA SER A 84 -2.24 -18.49 12.46
C SER A 84 -1.68 -17.08 12.44
N LEU A 85 -2.56 -16.12 12.68
CA LEU A 85 -2.23 -14.69 12.64
C LEU A 85 -1.10 -14.30 13.55
N ARG A 86 -0.23 -13.45 13.04
CA ARG A 86 0.91 -12.91 13.80
C ARG A 86 0.88 -11.40 13.71
N SER A 87 1.54 -10.71 14.64
CA SER A 87 1.54 -9.23 14.61
C SER A 87 1.92 -8.66 13.23
N GLU A 88 2.86 -9.30 12.52
CA GLU A 88 3.25 -8.82 11.19
C GLU A 88 2.20 -9.02 10.08
N ASP A 89 1.08 -9.65 10.41
CA ASP A 89 -0.08 -9.72 9.50
C ASP A 89 -1.01 -8.51 9.63
N THR A 90 -0.71 -7.62 10.57
CA THR A 90 -1.40 -6.33 10.70
C THR A 90 -1.28 -5.53 9.40
N ALA A 91 -2.42 -5.23 8.80
CA ALA A 91 -2.43 -4.70 7.42
C ALA A 91 -3.84 -4.35 7.03
N VAL A 92 -3.96 -3.49 6.03
CA VAL A 92 -5.21 -3.29 5.31
C VAL A 92 -5.27 -4.33 4.20
N TYR A 93 -6.36 -5.11 4.23
CA TYR A 93 -6.60 -6.16 3.23
C TYR A 93 -7.60 -5.63 2.19
N TYR A 94 -7.20 -5.60 0.93
CA TYR A 94 -8.05 -5.14 -0.16
C TYR A 94 -8.53 -6.29 -1.06
N CYS A 95 -9.79 -6.25 -1.50
CA CYS A 95 -10.20 -6.98 -2.71
C CYS A 95 -10.18 -6.03 -3.93
N ALA A 96 -9.87 -6.59 -5.10
CA ALA A 96 -9.76 -5.82 -6.31
C ALA A 96 -10.19 -6.66 -7.47
N ARG A 97 -11.07 -6.09 -8.29
CA ARG A 97 -11.55 -6.75 -9.49
C ARG A 97 -10.47 -6.78 -10.57
N ASP A 98 -10.21 -7.97 -11.11
CA ASP A 98 -9.32 -8.11 -12.26
C ASP A 98 -10.01 -7.62 -13.55
N ALA A 99 -9.22 -7.11 -14.48
CA ALA A 99 -9.70 -6.90 -15.86
C ALA A 99 -10.10 -8.22 -16.54
N GLY A 100 -9.42 -9.31 -16.16
CA GLY A 100 -9.56 -10.60 -16.81
C GLY A 100 -10.40 -11.58 -16.03
N ALA A 101 -10.54 -12.77 -16.60
CA ALA A 101 -11.34 -13.83 -16.01
C ALA A 101 -10.60 -14.75 -15.02
N GLY A 102 -9.31 -14.55 -14.79
CA GLY A 102 -8.58 -15.40 -13.84
C GLY A 102 -7.48 -16.23 -14.47
N GLY A 103 -6.97 -17.18 -13.70
CA GLY A 103 -5.73 -17.90 -14.01
C GLY A 103 -4.62 -16.96 -13.57
N VAL A 104 -4.16 -16.15 -14.51
CA VAL A 104 -3.13 -15.16 -14.26
C VAL A 104 -3.80 -13.79 -14.05
N GLN A 105 -3.45 -13.11 -12.97
CA GLN A 105 -3.85 -11.69 -12.80
C GLN A 105 -3.44 -10.90 -14.04
N ASP A 106 -4.33 -10.04 -14.53
CA ASP A 106 -3.99 -9.20 -15.64
C ASP A 106 -3.66 -7.80 -15.12
N TYR A 107 -4.70 -7.02 -14.81
CA TYR A 107 -4.52 -5.77 -14.06
C TYR A 107 -5.82 -5.50 -13.32
N LEU A 108 -5.78 -4.57 -12.37
CA LEU A 108 -6.84 -4.41 -11.39
C LEU A 108 -7.56 -3.11 -11.69
N THR A 109 -8.88 -3.17 -11.89
CA THR A 109 -9.63 -2.00 -12.39
C THR A 109 -10.50 -1.33 -11.34
N LEU A 110 -10.79 -2.05 -10.26
CA LEU A 110 -11.69 -1.57 -9.24
C LEU A 110 -11.28 -2.15 -7.90
N TRP A 111 -11.24 -1.30 -6.87
CA TRP A 111 -10.83 -1.72 -5.52
C TRP A 111 -11.93 -1.58 -4.47
N GLY A 112 -11.97 -2.51 -3.53
CA GLY A 112 -12.73 -2.36 -2.27
C GLY A 112 -12.17 -1.23 -1.44
N GLN A 113 -12.87 -0.87 -0.35
CA GLN A 113 -12.38 0.19 0.54
C GLN A 113 -11.25 -0.30 1.46
N GLY A 114 -10.99 -1.61 1.46
CA GLY A 114 -10.00 -2.19 2.37
C GLY A 114 -10.61 -2.50 3.73
N THR A 115 -10.04 -3.53 4.39
CA THR A 115 -10.42 -3.94 5.72
C THR A 115 -9.15 -3.94 6.58
N LEU A 116 -9.11 -3.11 7.61
CA LEU A 116 -8.00 -3.16 8.55
C LEU A 116 -8.12 -4.37 9.47
N VAL A 117 -7.07 -5.20 9.48
CA VAL A 117 -6.93 -6.30 10.44
C VAL A 117 -5.73 -5.99 11.32
N THR A 118 -5.97 -5.80 12.60
CA THR A 118 -4.90 -5.58 13.58
C THR A 118 -4.73 -6.86 14.42
N VAL A 119 -3.50 -7.39 14.45
CA VAL A 119 -3.20 -8.62 15.18
C VAL A 119 -2.31 -8.21 16.31
N SER A 120 -2.78 -8.43 17.55
CA SER A 120 -2.06 -7.99 18.75
C SER A 120 -2.56 -8.62 20.07
N SER A 121 -1.66 -8.72 21.04
CA SER A 121 -1.97 -9.13 22.42
C SER A 121 -2.81 -8.08 23.17
N ALA A 122 -2.81 -6.84 22.68
CA ALA A 122 -3.49 -5.69 23.31
C ALA A 122 -5.01 -5.79 23.34
N SER A 123 -5.61 -5.08 24.28
CA SER A 123 -7.05 -4.93 24.35
C SER A 123 -7.44 -3.53 23.90
N THR A 124 -8.60 -3.43 23.27
CA THR A 124 -9.17 -2.17 22.75
C THR A 124 -9.31 -1.14 23.86
N LYS A 125 -8.77 0.04 23.65
CA LYS A 125 -8.68 1.02 24.71
C LYS A 125 -8.72 2.41 24.12
N GLY A 126 -9.57 3.28 24.67
CA GLY A 126 -9.60 4.70 24.30
C GLY A 126 -8.35 5.45 24.76
N PRO A 127 -8.01 6.57 24.07
CA PRO A 127 -6.81 7.34 24.43
C PRO A 127 -6.96 8.24 25.65
N SER A 128 -5.84 8.46 26.33
CA SER A 128 -5.69 9.59 27.26
C SER A 128 -5.22 10.80 26.45
N VAL A 129 -5.88 11.94 26.62
CA VAL A 129 -5.59 13.12 25.79
C VAL A 129 -4.99 14.19 26.70
N PHE A 130 -3.77 14.62 26.40
CA PHE A 130 -3.03 15.57 27.23
C PHE A 130 -2.71 16.86 26.46
N PRO A 131 -2.75 18.03 27.15
CA PRO A 131 -2.38 19.27 26.46
C PRO A 131 -0.89 19.41 26.18
N LEU A 132 -0.60 19.98 25.02
CA LEU A 132 0.71 20.50 24.68
C LEU A 132 0.57 22.03 24.70
N ALA A 133 0.71 22.60 25.90
CA ALA A 133 0.47 24.02 26.19
C ALA A 133 1.45 24.96 25.47
N PRO A 134 0.96 26.12 24.96
CA PRO A 134 1.79 27.09 24.23
C PRO A 134 2.99 27.67 25.00
N GLY A 141 8.60 33.74 17.05
CA GLY A 141 8.41 35.16 16.76
C GLY A 141 7.11 35.68 17.34
N GLY A 142 6.11 35.85 16.48
CA GLY A 142 4.74 36.16 16.91
C GLY A 142 3.80 34.99 16.66
N THR A 143 4.36 33.80 16.40
CA THR A 143 3.58 32.56 16.24
C THR A 143 3.82 31.65 17.45
N ALA A 144 2.75 31.08 18.02
CA ALA A 144 2.88 30.07 19.08
C ALA A 144 2.46 28.71 18.54
N ALA A 145 3.03 27.64 19.09
CA ALA A 145 2.57 26.26 18.80
C ALA A 145 1.86 25.68 20.01
N LEU A 146 0.81 24.94 19.75
CA LEU A 146 0.08 24.22 20.80
C LEU A 146 -0.44 22.91 20.22
N GLY A 147 -0.97 22.05 21.06
CA GLY A 147 -1.39 20.75 20.56
C GLY A 147 -2.03 19.84 21.57
N CYS A 148 -2.31 18.62 21.13
CA CYS A 148 -2.79 17.55 22.00
C CYS A 148 -1.96 16.30 21.78
N LEU A 149 -1.54 15.71 22.89
CA LEU A 149 -0.95 14.38 22.89
C LEU A 149 -2.04 13.34 23.13
N VAL A 150 -2.26 12.49 22.12
CA VAL A 150 -3.27 11.43 22.12
C VAL A 150 -2.55 10.09 22.37
N LYS A 151 -2.52 9.66 23.64
CA LYS A 151 -1.62 8.60 24.09
C LYS A 151 -2.34 7.34 24.55
N ASP A 152 -1.73 6.19 24.23
CA ASP A 152 -2.10 4.87 24.81
C ASP A 152 -3.51 4.41 24.41
N TYR A 153 -3.72 4.32 23.10
CA TYR A 153 -4.97 3.81 22.54
C TYR A 153 -4.72 2.57 21.69
N PHE A 154 -5.77 1.78 21.46
CA PHE A 154 -5.67 0.57 20.63
C PHE A 154 -7.07 0.14 20.20
N PRO A 155 -7.29 -0.26 18.93
CA PRO A 155 -6.31 -0.21 17.84
C PRO A 155 -6.37 1.13 17.10
N GLU A 156 -5.67 1.23 15.97
CA GLU A 156 -5.91 2.33 15.00
C GLU A 156 -7.35 2.23 14.49
N PRO A 157 -8.01 3.32 14.09
CA PRO A 157 -7.43 4.66 13.91
C PRO A 157 -7.94 5.65 14.94
N VAL A 158 -7.27 6.79 15.09
CA VAL A 158 -7.90 7.97 15.71
C VAL A 158 -7.99 9.12 14.71
N THR A 159 -9.00 9.97 14.88
CA THR A 159 -8.98 11.25 14.17
C THR A 159 -8.97 12.37 15.17
N VAL A 160 -8.43 13.51 14.72
CA VAL A 160 -8.35 14.72 15.55
C VAL A 160 -8.84 15.90 14.71
N SER A 161 -9.70 16.73 15.30
CA SER A 161 -10.02 18.04 14.73
C SER A 161 -9.77 19.12 15.77
N TRP A 162 -9.77 20.38 15.32
CA TRP A 162 -9.58 21.52 16.22
C TRP A 162 -10.79 22.43 16.17
N ASN A 163 -11.27 22.80 17.36
CA ASN A 163 -12.45 23.68 17.55
C ASN A 163 -13.62 23.23 16.69
N SER A 164 -13.95 21.94 16.82
CA SER A 164 -15.03 21.29 16.07
C SER A 164 -14.94 21.43 14.54
N GLY A 165 -13.70 21.61 14.05
CA GLY A 165 -13.46 21.68 12.60
C GLY A 165 -13.34 23.10 12.05
N ALA A 166 -13.64 24.08 12.90
CA ALA A 166 -13.51 25.51 12.56
C ALA A 166 -12.06 25.93 12.29
N LEU A 167 -11.12 25.31 13.02
CA LEU A 167 -9.69 25.60 12.88
C LEU A 167 -8.97 24.49 12.09
N THR A 168 -8.52 24.82 10.88
CA THR A 168 -7.82 23.87 10.02
C THR A 168 -6.42 24.37 9.61
N SER A 169 -6.30 25.69 9.44
CA SER A 169 -5.05 26.33 9.03
CA SER A 169 -5.04 26.31 9.04
C SER A 169 -3.96 26.08 10.08
N GLY A 170 -2.80 25.63 9.62
CA GLY A 170 -1.65 25.38 10.49
C GLY A 170 -1.73 24.11 11.32
N VAL A 171 -2.75 23.28 11.09
CA VAL A 171 -2.89 22.03 11.87
C VAL A 171 -2.00 20.95 11.25
N HIS A 172 -1.25 20.25 12.10
CA HIS A 172 -0.53 19.05 11.68
C HIS A 172 -0.88 17.92 12.64
N THR A 173 -1.50 16.87 12.11
CA THR A 173 -1.80 15.69 12.92
C THR A 173 -0.87 14.56 12.49
N PHE A 174 -0.01 14.14 13.42
CA PHE A 174 1.05 13.18 13.08
C PHE A 174 0.54 11.75 12.93
N PRO A 175 1.14 10.96 12.02
CA PRO A 175 0.85 9.51 12.01
C PRO A 175 1.18 8.92 13.38
N ALA A 176 0.43 7.91 13.79
CA ALA A 176 0.65 7.26 15.08
C ALA A 176 1.93 6.45 15.06
N VAL A 177 2.54 6.33 16.22
CA VAL A 177 3.64 5.37 16.40
C VAL A 177 3.13 4.27 17.31
N LEU A 178 3.63 3.06 17.10
CA LEU A 178 3.33 1.93 17.98
C LEU A 178 4.41 1.87 19.06
N GLN A 179 3.97 1.94 20.31
CA GLN A 179 4.89 1.92 21.44
C GLN A 179 5.18 0.46 21.82
N SER A 180 6.24 0.25 22.60
CA SER A 180 6.63 -1.10 23.00
C SER A 180 5.56 -1.76 23.88
N SER A 181 4.76 -0.95 24.57
CA SER A 181 3.58 -1.46 25.28
C SER A 181 2.55 -2.10 24.38
N GLY A 182 2.66 -1.90 23.06
CA GLY A 182 1.65 -2.35 22.11
C GLY A 182 0.46 -1.40 21.97
N LEU A 183 0.56 -0.21 22.56
CA LEU A 183 -0.47 0.82 22.39
C LEU A 183 0.05 1.93 21.47
N TYR A 184 -0.86 2.59 20.77
CA TYR A 184 -0.47 3.66 19.86
C TYR A 184 -0.46 5.02 20.55
N SER A 185 0.25 5.96 19.93
CA SER A 185 0.31 7.32 20.40
C SER A 185 0.49 8.28 19.22
N LEU A 186 -0.19 9.41 19.26
CA LEU A 186 0.10 10.48 18.29
C LEU A 186 -0.05 11.86 18.92
N SER A 187 0.60 12.85 18.33
CA SER A 187 0.29 14.24 18.65
C SER A 187 -0.41 14.96 17.48
N SER A 188 -1.28 15.91 17.84
CA SER A 188 -1.80 16.87 16.88
C SER A 188 -1.33 18.25 17.33
N VAL A 189 -0.80 19.04 16.40
CA VAL A 189 -0.34 20.41 16.76
C VAL A 189 -0.93 21.45 15.85
N VAL A 190 -0.91 22.70 16.31
CA VAL A 190 -1.33 23.82 15.46
C VAL A 190 -0.51 25.04 15.86
N THR A 191 -0.19 25.86 14.86
CA THR A 191 0.44 27.15 15.10
C THR A 191 -0.60 28.25 14.92
N VAL A 192 -0.56 29.22 15.83
CA VAL A 192 -1.56 30.28 15.93
C VAL A 192 -0.81 31.58 16.27
N PRO A 193 -1.47 32.75 16.13
CA PRO A 193 -0.78 33.97 16.59
C PRO A 193 -0.63 33.98 18.11
N SER A 194 0.58 34.32 18.59
CA SER A 194 0.91 34.44 20.02
C SER A 194 -0.04 35.39 20.76
N SER A 195 -0.37 36.51 20.11
CA SER A 195 -1.28 37.52 20.68
C SER A 195 -2.70 37.00 20.91
N SER A 196 -3.15 36.05 20.08
CA SER A 196 -4.50 35.46 20.14
C SER A 196 -4.76 34.60 21.41
N LEU A 197 -3.67 34.22 22.10
CA LEU A 197 -3.71 33.22 23.18
C LEU A 197 -4.56 33.60 24.39
N GLY A 198 -4.64 34.89 24.70
CA GLY A 198 -5.52 35.36 25.78
C GLY A 198 -6.99 35.33 25.41
N THR A 199 -7.29 35.55 24.13
CA THR A 199 -8.65 35.70 23.63
C THR A 199 -9.26 34.36 23.24
N GLN A 200 -8.55 33.65 22.36
CA GLN A 200 -9.09 32.53 21.61
C GLN A 200 -8.89 31.21 22.38
N THR A 201 -9.97 30.44 22.47
CA THR A 201 -9.93 29.13 23.13
C THR A 201 -9.64 28.04 22.09
N TYR A 202 -8.77 27.10 22.48
CA TYR A 202 -8.37 26.02 21.58
C TYR A 202 -8.69 24.66 22.21
N ILE A 203 -9.50 23.89 21.49
CA ILE A 203 -9.97 22.56 21.93
C ILE A 203 -9.65 21.52 20.85
N CYS A 204 -8.90 20.48 21.21
CA CYS A 204 -8.77 19.34 20.29
C CYS A 204 -9.90 18.33 20.52
N ASN A 205 -10.49 17.86 19.40
CA ASN A 205 -11.57 16.88 19.40
C ASN A 205 -11.04 15.55 18.88
N VAL A 206 -11.06 14.56 19.76
CA VAL A 206 -10.38 13.28 19.51
C VAL A 206 -11.41 12.16 19.41
N ASN A 207 -11.42 11.50 18.26
CA ASN A 207 -12.37 10.42 17.99
C ASN A 207 -11.62 9.09 17.88
N HIS A 208 -11.92 8.15 18.79
CA HIS A 208 -11.44 6.78 18.67
C HIS A 208 -12.60 5.83 18.40
N LYS A 209 -12.89 5.67 17.11
CA LYS A 209 -14.07 4.92 16.66
C LYS A 209 -14.08 3.43 17.09
N PRO A 210 -12.91 2.74 17.12
CA PRO A 210 -12.88 1.36 17.65
C PRO A 210 -13.38 1.14 19.06
N SER A 211 -13.22 2.13 19.95
CA SER A 211 -13.76 2.03 21.30
C SER A 211 -15.02 2.88 21.52
N ASN A 212 -15.55 3.49 20.45
CA ASN A 212 -16.67 4.46 20.52
C ASN A 212 -16.44 5.59 21.54
N THR A 213 -15.22 6.13 21.51
CA THR A 213 -14.76 7.14 22.48
C THR A 213 -14.57 8.47 21.78
N LYS A 214 -15.11 9.52 22.40
CA LYS A 214 -14.88 10.92 22.02
C LYS A 214 -14.37 11.69 23.25
N VAL A 215 -13.31 12.46 23.07
CA VAL A 215 -12.72 13.29 24.12
C VAL A 215 -12.46 14.68 23.52
N ASP A 216 -12.83 15.71 24.27
CA ASP A 216 -12.47 17.09 23.95
C ASP A 216 -11.52 17.55 25.05
N LYS A 217 -10.44 18.22 24.66
CA LYS A 217 -9.50 18.78 25.63
C LYS A 217 -9.16 20.22 25.26
N LYS A 218 -9.48 21.12 26.19
CA LYS A 218 -9.12 22.53 26.07
C LYS A 218 -7.64 22.67 26.42
N VAL A 219 -6.89 23.34 25.55
CA VAL A 219 -5.47 23.56 25.76
C VAL A 219 -5.27 25.04 26.09
N GLU A 220 -4.89 25.30 27.34
CA GLU A 220 -4.65 26.65 27.86
C GLU A 220 -3.16 26.97 28.00
N PRO A 221 -2.77 28.26 27.87
CA PRO A 221 -1.36 28.61 28.17
C PRO A 221 -1.10 28.64 29.68
N LYS A 222 -0.44 27.60 30.20
CA LYS A 222 -0.22 27.45 31.64
C LYS A 222 1.15 26.85 31.93
N ASP B 1 9.71 -17.39 -10.59
CA ASP B 1 9.55 -16.04 -9.95
C ASP B 1 9.86 -14.92 -10.95
N ILE B 2 9.16 -13.81 -10.81
CA ILE B 2 9.46 -12.63 -11.60
C ILE B 2 9.59 -11.54 -10.55
N VAL B 3 10.79 -11.00 -10.42
CA VAL B 3 11.04 -9.98 -9.40
C VAL B 3 10.81 -8.62 -10.07
N MET B 4 9.96 -7.80 -9.46
CA MET B 4 9.70 -6.45 -9.97
C MET B 4 10.42 -5.44 -9.10
N THR B 5 11.21 -4.58 -9.76
CA THR B 5 12.07 -3.59 -9.09
C THR B 5 11.75 -2.21 -9.63
N GLN B 6 11.43 -1.29 -8.72
CA GLN B 6 11.20 0.10 -9.10
C GLN B 6 12.40 0.94 -8.66
N SER B 7 12.68 1.98 -9.42
CA SER B 7 13.69 2.98 -9.07
C SER B 7 13.30 4.35 -9.61
N PRO B 8 13.71 5.42 -8.93
CA PRO B 8 14.33 5.38 -7.61
C PRO B 8 13.25 5.05 -6.55
N ASP B 9 13.64 4.92 -5.28
CA ASP B 9 12.70 4.77 -4.14
C ASP B 9 11.80 5.98 -3.96
N SER B 10 12.38 7.14 -4.14
CA SER B 10 11.68 8.38 -4.06
C SER B 10 12.25 9.35 -5.07
N LEU B 11 11.39 10.24 -5.54
CA LEU B 11 11.71 11.22 -6.54
C LEU B 11 11.09 12.55 -6.18
N ALA B 12 11.88 13.61 -6.19
CA ALA B 12 11.40 14.96 -5.92
C ALA B 12 11.59 15.80 -7.17
N VAL B 13 10.51 16.38 -7.65
CA VAL B 13 10.51 17.18 -8.87
C VAL B 13 9.81 18.50 -8.57
N SER B 14 10.35 19.61 -9.09
CA SER B 14 9.70 20.92 -8.91
C SER B 14 8.38 20.98 -9.65
N LEU B 15 7.41 21.71 -9.08
CA LEU B 15 6.08 21.81 -9.69
C LEU B 15 6.20 22.21 -11.15
N GLY B 16 5.51 21.47 -12.01
CA GLY B 16 5.47 21.77 -13.44
C GLY B 16 6.54 21.10 -14.29
N GLU B 17 7.55 20.50 -13.65
CA GLU B 17 8.62 19.77 -14.34
C GLU B 17 8.31 18.28 -14.60
N ARG B 18 9.21 17.63 -15.33
CA ARG B 18 9.03 16.25 -15.77
C ARG B 18 9.42 15.26 -14.67
N ALA B 19 8.56 14.27 -14.43
CA ALA B 19 8.85 13.16 -13.51
C ALA B 19 8.85 11.84 -14.30
N THR B 20 9.94 11.10 -14.21
CA THR B 20 10.06 9.81 -14.87
C THR B 20 10.48 8.78 -13.81
N ILE B 21 9.74 7.67 -13.75
CA ILE B 21 10.04 6.60 -12.80
C ILE B 21 10.16 5.27 -13.56
N ASN B 22 10.98 4.35 -13.03
CA ASN B 22 11.33 3.11 -13.73
C ASN B 22 10.79 1.88 -13.05
N CYS B 23 10.44 0.88 -13.85
CA CYS B 23 10.06 -0.42 -13.32
C CYS B 23 10.77 -1.48 -14.17
N GLN B 24 11.43 -2.43 -13.51
CA GLN B 24 12.14 -3.51 -14.21
C GLN B 24 11.66 -4.89 -13.78
N ALA B 25 11.50 -5.80 -14.74
CA ALA B 25 11.17 -7.19 -14.45
C ALA B 25 12.39 -8.08 -14.61
N SER B 26 12.54 -9.06 -13.72
CA SER B 26 13.67 -10.01 -13.77
C SER B 26 13.61 -10.97 -14.97
N ARG B 27 12.42 -11.10 -15.55
CA ARG B 27 12.28 -11.81 -16.83
C ARG B 27 11.19 -11.18 -17.70
N ASN B 28 11.25 -11.50 -19.00
CA ASN B 28 10.38 -10.95 -20.04
C ASN B 28 8.88 -11.05 -19.72
N ILE B 29 8.23 -9.90 -19.55
CA ILE B 29 6.79 -9.88 -19.28
C ILE B 29 6.00 -9.23 -20.42
N TYR B 30 6.67 -9.01 -21.55
CA TYR B 30 6.07 -8.46 -22.78
C TYR B 30 5.48 -7.09 -22.50
N ASN B 31 4.18 -6.91 -22.75
CA ASN B 31 3.53 -5.66 -22.40
C ASN B 31 2.51 -5.83 -21.27
N PHE B 32 2.60 -6.93 -20.51
CA PHE B 32 1.71 -7.17 -19.37
C PHE B 32 2.17 -6.43 -18.11
N LEU B 33 2.06 -5.11 -18.18
CA LEU B 33 2.57 -4.20 -17.15
C LEU B 33 1.60 -3.01 -16.94
N ALA B 34 1.09 -2.88 -15.71
CA ALA B 34 0.18 -1.80 -15.32
C ALA B 34 0.82 -0.86 -14.28
N TRP B 35 0.34 0.37 -14.23
CA TRP B 35 0.82 1.38 -13.25
C TRP B 35 -0.32 1.87 -12.39
N TYR B 36 -0.05 2.05 -11.09
CA TYR B 36 -1.07 2.53 -10.15
C TYR B 36 -0.55 3.74 -9.38
N GLN B 37 -1.47 4.60 -8.97
CA GLN B 37 -1.19 5.76 -8.13
C GLN B 37 -1.90 5.54 -6.81
N GLN B 38 -1.20 5.74 -5.69
CA GLN B 38 -1.86 5.61 -4.40
C GLN B 38 -1.53 6.74 -3.45
N LYS B 39 -2.59 7.36 -2.95
CA LYS B 39 -2.51 8.45 -1.98
C LYS B 39 -2.83 7.91 -0.58
N PRO B 40 -2.33 8.60 0.48
CA PRO B 40 -2.54 8.12 1.85
C PRO B 40 -4.00 7.88 2.19
N GLY B 41 -4.26 6.74 2.85
CA GLY B 41 -5.62 6.35 3.23
C GLY B 41 -6.61 6.05 2.11
N GLN B 42 -6.10 5.78 0.91
CA GLN B 42 -6.94 5.44 -0.23
C GLN B 42 -6.47 4.13 -0.87
N PRO B 43 -7.39 3.39 -1.54
CA PRO B 43 -6.91 2.30 -2.36
C PRO B 43 -6.15 2.83 -3.59
N PRO B 44 -5.26 2.00 -4.16
CA PRO B 44 -4.60 2.38 -5.41
C PRO B 44 -5.62 2.66 -6.51
N LYS B 45 -5.23 3.53 -7.44
CA LYS B 45 -6.02 3.82 -8.64
C LYS B 45 -5.20 3.47 -9.88
N LEU B 46 -5.81 2.71 -10.80
CA LEU B 46 -5.15 2.37 -12.07
C LEU B 46 -4.90 3.58 -12.97
N LEU B 47 -3.67 3.72 -13.47
CA LEU B 47 -3.35 4.79 -14.41
C LEU B 47 -3.10 4.31 -15.81
N ILE B 48 -2.31 3.23 -15.94
CA ILE B 48 -1.84 2.73 -17.23
C ILE B 48 -1.96 1.21 -17.20
N TYR B 49 -2.38 0.62 -18.33
CA TYR B 49 -2.34 -0.84 -18.52
C TYR B 49 -1.77 -1.14 -19.91
N SER B 50 -1.45 -2.41 -20.17
CA SER B 50 -0.68 -2.83 -21.35
C SER B 50 0.54 -1.95 -21.64
N ALA B 51 1.29 -1.60 -20.59
CA ALA B 51 2.50 -0.74 -20.65
C ALA B 51 2.26 0.73 -21.01
N SER B 52 1.31 1.02 -21.90
CA SER B 52 1.19 2.36 -22.48
C SER B 52 -0.25 2.89 -22.70
N THR B 53 -1.26 2.09 -22.37
CA THR B 53 -2.67 2.53 -22.51
C THR B 53 -3.17 3.21 -21.25
N LEU B 54 -3.46 4.51 -21.36
CA LEU B 54 -4.09 5.26 -20.28
C LEU B 54 -5.48 4.74 -19.94
N ALA B 55 -5.73 4.60 -18.64
CA ALA B 55 -7.05 4.17 -18.17
C ALA B 55 -8.07 5.30 -18.39
N SER B 56 -9.35 4.93 -18.41
CA SER B 56 -10.42 5.92 -18.65
C SER B 56 -10.35 7.04 -17.63
N GLY B 57 -10.23 8.27 -18.11
CA GLY B 57 -10.30 9.47 -17.25
C GLY B 57 -8.98 10.03 -16.74
N VAL B 58 -7.89 9.29 -16.98
CA VAL B 58 -6.56 9.68 -16.50
C VAL B 58 -6.02 10.84 -17.36
N PRO B 59 -5.51 11.92 -16.73
CA PRO B 59 -5.00 13.03 -17.55
C PRO B 59 -3.86 12.59 -18.46
N ASP B 60 -3.82 13.17 -19.66
CA ASP B 60 -2.82 12.78 -20.65
C ASP B 60 -1.40 13.31 -20.35
N ARG B 61 -1.23 14.02 -19.23
CA ARG B 61 0.12 14.28 -18.72
C ARG B 61 0.83 13.00 -18.25
N PHE B 62 0.04 11.94 -18.05
CA PHE B 62 0.55 10.61 -17.68
C PHE B 62 0.80 9.79 -18.94
N SER B 63 1.95 9.13 -19.01
CA SER B 63 2.23 8.22 -20.13
C SER B 63 3.16 7.09 -19.70
N GLY B 64 2.95 5.91 -20.29
CA GLY B 64 3.81 4.78 -20.01
C GLY B 64 4.50 4.28 -21.26
N SER B 65 5.72 3.77 -21.10
CA SER B 65 6.45 3.16 -22.21
C SER B 65 7.25 1.95 -21.78
N GLY B 66 7.68 1.17 -22.76
CA GLY B 66 8.53 0.02 -22.52
C GLY B 66 7.84 -1.27 -22.87
N SER B 67 8.65 -2.33 -22.83
CA SER B 67 8.27 -3.67 -23.24
CA SER B 67 8.29 -3.67 -23.28
C SER B 67 9.36 -4.61 -22.73
N GLY B 68 9.02 -5.88 -22.55
CA GLY B 68 10.01 -6.87 -22.14
C GLY B 68 10.31 -6.81 -20.66
N THR B 69 11.38 -6.09 -20.30
CA THR B 69 11.83 -6.03 -18.90
C THR B 69 12.05 -4.61 -18.39
N ASP B 70 11.98 -3.62 -19.27
CA ASP B 70 12.22 -2.21 -18.87
C ASP B 70 11.02 -1.32 -19.16
N PHE B 71 10.50 -0.65 -18.14
CA PHE B 71 9.28 0.14 -18.27
C PHE B 71 9.44 1.47 -17.56
N THR B 72 8.74 2.49 -18.04
CA THR B 72 8.79 3.82 -17.44
C THR B 72 7.40 4.44 -17.39
N LEU B 73 7.13 5.17 -16.31
CA LEU B 73 5.96 6.04 -16.23
C LEU B 73 6.49 7.47 -16.23
N THR B 74 5.87 8.33 -17.02
CA THR B 74 6.32 9.73 -17.13
C THR B 74 5.15 10.65 -16.82
N ILE B 75 5.39 11.63 -15.95
CA ILE B 75 4.44 12.72 -15.74
C ILE B 75 5.10 13.94 -16.36
N SER B 76 4.49 14.43 -17.44
CA SER B 76 5.15 15.46 -18.28
C SER B 76 5.30 16.79 -17.56
N SER B 77 4.29 17.13 -16.75
CA SER B 77 4.33 18.34 -15.93
CA SER B 77 4.32 18.35 -15.94
C SER B 77 3.65 18.06 -14.59
N LEU B 78 4.45 17.90 -13.56
CA LEU B 78 3.98 17.53 -12.22
C LEU B 78 3.06 18.57 -11.58
N GLN B 79 1.91 18.09 -11.12
CA GLN B 79 0.94 18.94 -10.40
C GLN B 79 0.81 18.48 -8.95
N ALA B 80 0.26 19.34 -8.10
CA ALA B 80 0.13 19.02 -6.66
C ALA B 80 -0.60 17.70 -6.40
N GLU B 81 -1.66 17.43 -7.16
CA GLU B 81 -2.43 16.19 -7.00
C GLU B 81 -1.72 14.92 -7.49
N ASP B 82 -0.50 15.05 -8.01
CA ASP B 82 0.28 13.89 -8.47
C ASP B 82 1.21 13.34 -7.39
N VAL B 83 1.28 14.03 -6.25
CA VAL B 83 2.07 13.59 -5.09
C VAL B 83 1.39 12.35 -4.56
N ALA B 84 2.12 11.24 -4.63
CA ALA B 84 1.57 9.89 -4.38
C ALA B 84 2.66 8.85 -4.41
N VAL B 85 2.28 7.61 -4.11
CA VAL B 85 3.18 6.47 -4.34
C VAL B 85 2.71 5.76 -5.61
N TYR B 86 3.66 5.45 -6.48
CA TYR B 86 3.34 4.79 -7.75
C TYR B 86 3.86 3.35 -7.78
N TYR B 87 3.00 2.40 -8.18
CA TYR B 87 3.38 0.99 -8.25
C TYR B 87 3.26 0.47 -9.68
N CYS B 88 4.19 -0.38 -10.09
CA CYS B 88 3.99 -1.16 -11.30
C CYS B 88 3.57 -2.58 -10.94
N GLN B 89 2.96 -3.30 -11.89
CA GLN B 89 2.40 -4.63 -11.64
C GLN B 89 2.36 -5.48 -12.92
N GLN B 90 3.00 -6.65 -12.87
CA GLN B 90 3.09 -7.55 -14.03
C GLN B 90 1.89 -8.49 -14.07
N GLY B 91 1.36 -8.69 -15.28
CA GLY B 91 0.22 -9.58 -15.52
C GLY B 91 0.52 -10.74 -16.47
N SER B 92 1.79 -11.16 -16.52
CA SER B 92 2.22 -12.23 -17.43
C SER B 92 2.16 -13.63 -16.81
N SER B 93 2.46 -13.73 -15.51
CA SER B 93 2.48 -15.03 -14.85
C SER B 93 2.24 -14.95 -13.36
N ASN B 94 1.72 -16.02 -12.79
CA ASN B 94 1.77 -16.15 -11.32
C ASN B 94 2.28 -17.52 -10.82
N SER B 95 3.06 -18.18 -11.68
CA SER B 95 3.67 -19.47 -11.36
CA SER B 95 3.65 -19.46 -11.35
C SER B 95 4.84 -19.28 -10.41
N ASN B 96 4.65 -19.67 -9.14
CA ASN B 96 5.68 -19.55 -8.11
C ASN B 96 6.26 -18.15 -8.00
N ILE B 97 5.39 -17.15 -7.85
CA ILE B 97 5.87 -15.76 -7.72
C ILE B 97 5.70 -15.24 -6.29
N ASP B 98 6.57 -14.32 -5.89
CA ASP B 98 6.42 -13.69 -4.59
C ASP B 98 5.41 -12.53 -4.64
N ASN B 99 5.56 -11.64 -5.63
CA ASN B 99 4.74 -10.42 -5.73
C ASN B 99 4.74 -9.87 -7.16
N PRO B 100 3.56 -9.72 -7.77
CA PRO B 100 3.56 -9.12 -9.10
C PRO B 100 3.72 -7.59 -9.06
N PHE B 101 3.55 -6.98 -7.89
CA PHE B 101 3.81 -5.53 -7.70
C PHE B 101 5.30 -5.27 -7.46
N GLY B 102 5.82 -4.18 -8.02
CA GLY B 102 7.09 -3.57 -7.57
C GLY B 102 6.93 -2.91 -6.20
N GLY B 103 8.05 -2.45 -5.61
CA GLY B 103 8.06 -1.97 -4.23
C GLY B 103 7.58 -0.55 -4.08
N GLY B 104 7.34 0.14 -5.22
CA GLY B 104 6.76 1.49 -5.20
C GLY B 104 7.80 2.59 -5.25
N THR B 105 7.40 3.72 -5.83
CA THR B 105 8.20 4.95 -5.90
C THR B 105 7.37 6.11 -5.39
N LYS B 106 7.89 6.79 -4.38
CA LYS B 106 7.22 7.94 -3.79
C LYS B 106 7.61 9.19 -4.58
N VAL B 107 6.61 9.91 -5.08
CA VAL B 107 6.84 11.15 -5.83
C VAL B 107 6.35 12.34 -5.01
N GLU B 108 7.24 13.31 -4.84
CA GLU B 108 7.00 14.47 -3.99
C GLU B 108 7.37 15.73 -4.77
N ILE B 109 6.86 16.87 -4.34
CA ILE B 109 7.23 18.17 -4.93
C ILE B 109 8.54 18.66 -4.32
N LYS B 110 9.49 19.02 -5.17
CA LYS B 110 10.71 19.66 -4.71
C LYS B 110 10.44 21.17 -4.58
N ARG B 111 10.82 21.74 -3.43
CA ARG B 111 10.78 23.19 -3.22
C ARG B 111 12.12 23.71 -2.67
N THR B 112 12.21 25.00 -2.43
CA THR B 112 13.43 25.58 -1.85
C THR B 112 13.62 25.08 -0.42
N VAL B 113 14.87 25.03 0.01
CA VAL B 113 15.22 24.66 1.38
C VAL B 113 14.53 25.60 2.37
N ALA B 114 13.82 25.01 3.32
CA ALA B 114 13.15 25.76 4.37
C ALA B 114 13.56 25.13 5.70
N ALA B 115 14.14 25.93 6.58
CA ALA B 115 14.59 25.46 7.89
C ALA B 115 13.37 25.29 8.81
N PRO B 116 13.40 24.31 9.76
CA PRO B 116 12.28 24.16 10.66
C PRO B 116 12.24 25.21 11.76
N SER B 117 11.02 25.65 12.09
CA SER B 117 10.77 26.33 13.35
CA SER B 117 10.73 26.34 13.35
C SER B 117 10.64 25.26 14.43
N VAL B 118 11.24 25.48 15.59
CA VAL B 118 11.38 24.44 16.60
C VAL B 118 10.65 24.82 17.89
N PHE B 119 9.87 23.89 18.41
CA PHE B 119 9.10 24.09 19.65
C PHE B 119 9.28 22.90 20.59
N ILE B 120 9.33 23.18 21.89
CA ILE B 120 9.44 22.14 22.92
C ILE B 120 8.25 22.22 23.89
N PHE B 121 7.70 21.06 24.24
CA PHE B 121 6.59 20.97 25.19
C PHE B 121 6.98 20.07 26.37
N PRO B 122 6.93 20.61 27.62
CA PRO B 122 7.10 19.76 28.80
C PRO B 122 5.92 18.82 28.97
N PRO B 123 6.05 17.76 29.80
CA PRO B 123 4.85 16.97 30.06
C PRO B 123 3.82 17.78 30.82
N SER B 124 2.54 17.48 30.59
CA SER B 124 1.44 18.14 31.30
C SER B 124 1.39 17.67 32.75
N ASP B 125 0.84 18.52 33.62
CA ASP B 125 0.63 18.16 35.01
C ASP B 125 -0.32 16.96 35.12
N GLU B 126 -1.36 16.96 34.28
CA GLU B 126 -2.32 15.86 34.21
CA GLU B 126 -2.33 15.87 34.19
C GLU B 126 -1.65 14.52 33.91
N GLN B 127 -0.76 14.48 32.91
CA GLN B 127 -0.01 13.24 32.58
C GLN B 127 0.90 12.80 33.71
N LEU B 128 1.57 13.76 34.35
CA LEU B 128 2.49 13.49 35.45
C LEU B 128 1.82 12.76 36.63
N LYS B 129 0.52 12.99 36.81
CA LYS B 129 -0.30 12.24 37.78
C LYS B 129 -0.37 10.73 37.50
N SER B 130 -0.42 10.35 36.22
CA SER B 130 -0.48 8.95 35.82
C SER B 130 0.87 8.20 35.90
N GLY B 131 1.94 8.92 36.22
CA GLY B 131 3.25 8.29 36.43
C GLY B 131 4.17 8.21 35.22
N THR B 132 3.78 8.87 34.13
CA THR B 132 4.60 8.94 32.91
C THR B 132 4.77 10.39 32.46
N ALA B 133 5.95 10.68 31.92
CA ALA B 133 6.23 11.97 31.34
C ALA B 133 6.61 11.83 29.87
N SER B 134 5.85 12.50 29.01
CA SER B 134 6.19 12.63 27.59
C SER B 134 6.65 14.04 27.33
N VAL B 135 7.86 14.18 26.79
CA VAL B 135 8.38 15.48 26.37
C VAL B 135 8.36 15.49 24.83
N VAL B 136 7.78 16.54 24.24
CA VAL B 136 7.60 16.60 22.77
C VAL B 136 8.46 17.73 22.17
N CYS B 137 9.16 17.42 21.08
CA CYS B 137 9.87 18.41 20.30
C CYS B 137 9.22 18.45 18.91
N LEU B 138 8.80 19.64 18.49
CA LEU B 138 8.13 19.85 17.20
C LEU B 138 9.02 20.62 16.22
N LEU B 139 9.28 20.02 15.05
CA LEU B 139 10.03 20.65 13.95
C LEU B 139 9.01 20.96 12.91
N ASN B 140 8.77 22.25 12.69
CA ASN B 140 7.59 22.66 11.91
C ASN B 140 7.92 23.29 10.56
N ASN B 141 7.25 22.78 9.53
CA ASN B 141 7.26 23.31 8.15
C ASN B 141 8.64 23.46 7.50
N PHE B 142 9.32 22.34 7.28
CA PHE B 142 10.69 22.34 6.73
C PHE B 142 10.77 21.53 5.45
N TYR B 143 11.89 21.71 4.73
CA TYR B 143 12.15 21.03 3.47
C TYR B 143 13.67 21.06 3.20
N PRO B 144 14.33 19.92 2.90
CA PRO B 144 13.72 18.60 2.67
C PRO B 144 13.42 17.85 3.98
N ARG B 145 12.95 16.61 3.85
CA ARG B 145 12.45 15.78 4.95
C ARG B 145 13.53 15.39 5.98
N GLU B 146 14.77 15.30 5.52
CA GLU B 146 15.87 14.81 6.36
C GLU B 146 16.16 15.82 7.47
N ALA B 147 16.10 15.36 8.71
CA ALA B 147 16.40 16.18 9.87
C ALA B 147 16.91 15.30 10.99
N LYS B 148 17.78 15.84 11.83
CA LYS B 148 18.22 15.10 13.02
C LYS B 148 17.80 15.82 14.30
N VAL B 149 17.27 15.04 15.24
CA VAL B 149 16.81 15.54 16.52
C VAL B 149 17.56 14.78 17.61
N GLN B 150 18.22 15.52 18.50
CA GLN B 150 18.91 14.92 19.64
C GLN B 150 18.32 15.45 20.94
N TRP B 151 17.90 14.52 21.79
CA TRP B 151 17.44 14.84 23.14
C TRP B 151 18.60 14.89 24.12
N LYS B 152 18.65 15.97 24.92
CA LYS B 152 19.67 16.19 25.95
C LYS B 152 19.04 16.55 27.30
N VAL B 153 19.28 15.70 28.29
CA VAL B 153 18.74 15.86 29.64
C VAL B 153 19.87 16.14 30.62
N ASP B 154 19.94 17.39 31.09
CA ASP B 154 21.08 17.94 31.86
C ASP B 154 22.40 17.64 31.15
N ASN B 155 22.48 18.06 29.89
CA ASN B 155 23.65 17.83 29.01
C ASN B 155 23.96 16.37 28.63
N ALA B 156 23.19 15.41 29.17
CA ALA B 156 23.36 14.00 28.83
C ALA B 156 22.54 13.62 27.59
N LEU B 157 23.24 13.16 26.56
CA LEU B 157 22.59 12.71 25.33
C LEU B 157 21.79 11.43 25.57
N GLN B 158 20.56 11.41 25.07
CA GLN B 158 19.64 10.29 25.26
C GLN B 158 19.62 9.36 24.06
N SER B 159 19.41 8.07 24.30
CA SER B 159 19.27 7.07 23.25
C SER B 159 18.19 6.05 23.59
N GLY B 160 17.48 5.58 22.56
CA GLY B 160 16.54 4.46 22.71
C GLY B 160 15.19 4.77 23.38
N ASN B 161 15.02 6.00 23.87
CA ASN B 161 13.79 6.36 24.59
C ASN B 161 12.93 7.42 23.88
N SER B 162 13.17 7.60 22.58
CA SER B 162 12.35 8.52 21.78
C SER B 162 11.82 7.87 20.51
N GLN B 163 10.65 8.31 20.07
CA GLN B 163 10.10 7.92 18.77
C GLN B 163 9.81 9.19 17.98
N GLU B 164 9.98 9.12 16.67
CA GLU B 164 9.56 10.24 15.84
C GLU B 164 8.50 9.90 14.82
N SER B 165 7.85 10.92 14.31
CA SER B 165 6.79 10.77 13.34
C SER B 165 6.86 11.96 12.40
N VAL B 166 6.59 11.74 11.12
CA VAL B 166 6.68 12.80 10.10
C VAL B 166 5.35 12.87 9.35
N THR B 167 4.87 14.08 9.09
CA THR B 167 3.67 14.26 8.28
C THR B 167 3.95 14.02 6.80
N GLU B 168 2.88 13.85 6.02
CA GLU B 168 2.95 13.87 4.55
C GLU B 168 3.21 15.29 4.10
N GLN B 169 3.73 15.46 2.89
CA GLN B 169 4.04 16.80 2.39
C GLN B 169 2.77 17.69 2.40
N ASP B 170 2.90 18.92 2.88
CA ASP B 170 1.74 19.83 2.98
C ASP B 170 1.33 20.25 1.57
N SER B 171 0.01 20.16 1.29
CA SER B 171 -0.53 20.54 -0.02
C SER B 171 -0.28 22.01 -0.38
N LYS B 172 -0.32 22.90 0.62
CA LYS B 172 -0.17 24.35 0.42
C LYS B 172 1.28 24.77 0.15
N ASP B 173 2.18 24.43 1.06
CA ASP B 173 3.55 24.97 1.00
C ASP B 173 4.64 23.94 0.74
N SER B 174 4.25 22.67 0.52
CA SER B 174 5.19 21.59 0.15
C SER B 174 6.24 21.23 1.22
N THR B 175 5.93 21.54 2.49
CA THR B 175 6.83 21.24 3.59
C THR B 175 6.39 20.01 4.37
N TYR B 176 7.29 19.56 5.25
CA TYR B 176 7.07 18.50 6.21
C TYR B 176 7.09 19.07 7.60
N SER B 177 6.46 18.36 8.52
CA SER B 177 6.65 18.61 9.95
C SER B 177 6.93 17.29 10.63
N LEU B 178 7.63 17.39 11.78
CA LEU B 178 8.16 16.22 12.48
C LEU B 178 7.99 16.41 13.99
N SER B 179 7.56 15.35 14.64
CA SER B 179 7.57 15.34 16.11
C SER B 179 8.53 14.26 16.64
N SER B 180 9.16 14.57 17.76
CA SER B 180 9.97 13.64 18.51
C SER B 180 9.46 13.66 19.94
N THR B 181 9.09 12.47 20.43
CA THR B 181 8.54 12.30 21.76
C THR B 181 9.53 11.48 22.61
N LEU B 182 10.05 12.12 23.65
CA LEU B 182 10.89 11.48 24.67
C LEU B 182 10.00 10.97 25.81
N THR B 183 10.12 9.68 26.11
CA THR B 183 9.27 9.03 27.11
C THR B 183 10.11 8.62 28.32
N LEU B 184 9.71 9.12 29.49
CA LEU B 184 10.39 8.86 30.75
C LEU B 184 9.37 8.56 31.83
N SER B 185 9.73 7.66 32.76
CA SER B 185 8.94 7.46 33.97
C SER B 185 8.94 8.77 34.76
N LYS B 186 7.84 9.05 35.46
CA LYS B 186 7.75 10.19 36.40
C LYS B 186 9.02 10.31 37.27
N ALA B 187 9.41 9.18 37.86
CA ALA B 187 10.62 9.04 38.68
C ALA B 187 11.90 9.62 38.03
N ASP B 188 12.19 9.17 36.82
CA ASP B 188 13.37 9.64 36.11
C ASP B 188 13.24 11.08 35.65
N TYR B 189 12.02 11.49 35.27
CA TYR B 189 11.74 12.88 34.88
C TYR B 189 12.11 13.90 35.98
N GLU B 190 11.74 13.56 37.22
CA GLU B 190 11.92 14.43 38.38
C GLU B 190 13.36 14.47 38.92
N LYS B 191 14.21 13.57 38.44
CA LYS B 191 15.63 13.55 38.82
C LYS B 191 16.45 14.65 38.13
N HIS B 192 15.84 15.34 37.15
CA HIS B 192 16.58 16.25 36.28
C HIS B 192 15.94 17.62 36.06
N LYS B 193 16.78 18.59 35.67
CA LYS B 193 16.35 19.98 35.49
C LYS B 193 16.17 20.42 34.03
N VAL B 194 17.20 20.26 33.21
CA VAL B 194 17.23 20.85 31.86
C VAL B 194 16.87 19.80 30.80
N TYR B 195 15.80 20.11 30.06
CA TYR B 195 15.34 19.27 28.97
C TYR B 195 15.47 20.01 27.66
N ALA B 196 16.35 19.49 26.80
CA ALA B 196 16.69 20.13 25.54
C ALA B 196 16.54 19.19 24.36
N CYS B 197 16.06 19.77 23.26
CA CYS B 197 16.08 19.07 21.97
CA CYS B 197 16.02 19.10 21.96
C CYS B 197 16.93 19.89 21.00
N GLU B 198 17.87 19.20 20.37
CA GLU B 198 18.82 19.84 19.45
C GLU B 198 18.55 19.39 18.02
N VAL B 199 18.29 20.36 17.15
CA VAL B 199 17.82 20.11 15.79
C VAL B 199 18.86 20.53 14.78
N THR B 200 19.24 19.60 13.91
CA THR B 200 20.03 19.91 12.73
C THR B 200 19.23 19.64 11.45
N HIS B 201 19.45 20.51 10.46
CA HIS B 201 18.76 20.46 9.17
CA HIS B 201 18.77 20.45 9.16
C HIS B 201 19.58 21.24 8.15
N GLN B 202 19.51 20.86 6.87
CA GLN B 202 20.20 21.56 5.78
C GLN B 202 20.02 23.09 5.83
N GLY B 203 18.80 23.56 6.14
CA GLY B 203 18.49 24.98 6.20
C GLY B 203 19.00 25.75 7.41
N LEU B 204 19.61 25.05 8.36
CA LEU B 204 20.17 25.68 9.56
C LEU B 204 21.69 25.68 9.48
N SER B 205 22.29 26.87 9.53
CA SER B 205 23.75 27.04 9.48
C SER B 205 24.46 26.46 10.72
N SER B 206 23.79 26.53 11.86
CA SER B 206 24.19 25.80 13.07
C SER B 206 22.94 25.26 13.80
N PRO B 207 23.09 24.22 14.68
CA PRO B 207 21.95 23.63 15.39
C PRO B 207 21.04 24.61 16.12
N VAL B 208 19.74 24.31 16.14
CA VAL B 208 18.79 25.06 16.96
C VAL B 208 18.47 24.20 18.18
N THR B 209 18.59 24.81 19.36
CA THR B 209 18.26 24.12 20.60
C THR B 209 17.10 24.83 21.28
N LYS B 210 16.05 24.07 21.60
CA LYS B 210 15.01 24.55 22.50
C LYS B 210 15.07 23.74 23.78
N SER B 211 14.90 24.43 24.90
CA SER B 211 14.98 23.81 26.22
C SER B 211 14.01 24.48 27.21
N PHE B 212 13.77 23.78 28.32
CA PHE B 212 13.06 24.31 29.47
C PHE B 212 13.67 23.67 30.73
N ASN B 213 13.54 24.35 31.86
CA ASN B 213 13.83 23.74 33.16
C ASN B 213 12.55 23.21 33.76
N ARG B 214 12.59 21.98 34.24
CA ARG B 214 11.40 21.32 34.82
C ARG B 214 10.77 22.21 35.89
N GLY B 215 9.45 22.37 35.81
CA GLY B 215 8.67 23.10 36.82
C GLY B 215 8.55 24.60 36.59
N GLU B 216 9.33 25.13 35.66
CA GLU B 216 9.41 26.59 35.43
C GLU B 216 8.36 27.12 34.47
N CYS B 217 7.96 28.37 34.71
CA CYS B 217 6.97 29.08 33.90
C CYS B 217 7.65 29.83 32.76
N GLU C 2 -12.35 -2.90 -30.07
CA GLU C 2 -12.74 -2.61 -28.66
C GLU C 2 -13.48 -3.78 -27.99
N SER C 3 -14.32 -4.48 -28.76
CA SER C 3 -15.05 -5.68 -28.27
C SER C 3 -15.14 -6.83 -29.26
N CYS C 4 -14.80 -8.03 -28.80
CA CYS C 4 -14.86 -9.23 -29.64
C CYS C 4 -15.06 -10.51 -28.84
N ASP C 5 -15.54 -11.56 -29.51
CA ASP C 5 -15.58 -12.94 -28.99
C ASP C 5 -14.17 -13.49 -28.82
N VAL C 6 -14.02 -14.44 -27.89
CA VAL C 6 -12.73 -15.08 -27.65
C VAL C 6 -12.54 -16.16 -28.71
N GLN C 7 -11.32 -16.24 -29.26
CA GLN C 7 -10.93 -17.32 -30.13
C GLN C 7 -9.65 -17.94 -29.61
N LEU C 8 -9.61 -19.27 -29.62
CA LEU C 8 -8.36 -20.02 -29.35
C LEU C 8 -7.98 -20.64 -30.67
N TYR C 9 -7.13 -19.94 -31.42
CA TYR C 9 -7.01 -20.27 -32.84
C TYR C 9 -5.78 -21.08 -33.26
N ILE C 10 -5.44 -22.12 -32.48
CA ILE C 10 -4.55 -23.18 -32.97
C ILE C 10 -5.12 -23.73 -34.31
N LYS C 11 -4.32 -23.69 -35.37
CA LYS C 11 -4.71 -24.24 -36.69
C LYS C 11 -4.78 -25.78 -36.66
N ARG C 12 -5.72 -26.33 -37.44
CA ARG C 12 -5.87 -27.78 -37.58
C ARG C 12 -4.54 -28.43 -38.02
N GLN C 13 -4.28 -29.63 -37.49
CA GLN C 13 -3.05 -30.42 -37.75
C GLN C 13 -1.72 -29.69 -37.46
N SER C 14 -1.67 -28.91 -36.38
CA SER C 14 -0.44 -28.25 -35.97
C SER C 14 0.39 -29.20 -35.11
N GLU C 15 1.71 -29.20 -35.34
CA GLU C 15 2.64 -30.09 -34.62
C GLU C 15 3.99 -29.45 -34.33
N HIS C 16 4.66 -29.95 -33.30
CA HIS C 16 6.02 -29.55 -32.95
C HIS C 16 6.82 -30.78 -32.59
N SER C 17 8.09 -30.82 -33.04
CA SER C 17 9.04 -31.82 -32.53
C SER C 17 10.25 -31.17 -31.83
N ILE C 18 10.58 -31.68 -30.66
CA ILE C 18 11.56 -31.06 -29.75
C ILE C 18 12.42 -32.03 -28.94
N LEU C 19 13.66 -31.61 -28.70
CA LEU C 19 14.66 -32.39 -27.99
C LEU C 19 14.26 -32.55 -26.53
N ALA C 20 14.21 -33.81 -26.09
CA ALA C 20 14.06 -34.12 -24.66
C ALA C 20 15.22 -33.48 -23.89
N GLY C 21 14.91 -32.93 -22.73
CA GLY C 21 15.89 -32.21 -21.94
C GLY C 21 16.02 -30.73 -22.28
N ASP C 22 15.40 -30.29 -23.37
CA ASP C 22 15.35 -28.85 -23.69
C ASP C 22 14.14 -28.16 -23.04
N PRO C 23 14.23 -26.85 -22.74
CA PRO C 23 12.99 -26.11 -22.46
C PRO C 23 12.12 -25.95 -23.71
N PHE C 24 10.81 -25.97 -23.53
CA PHE C 24 9.87 -25.70 -24.61
C PHE C 24 8.70 -24.84 -24.14
N GLU C 25 8.24 -23.95 -25.03
CA GLU C 25 7.06 -23.14 -24.78
C GLU C 25 5.99 -23.49 -25.84
N LEU C 26 4.94 -24.17 -25.40
CA LEU C 26 3.80 -24.49 -26.28
C LEU C 26 2.81 -23.34 -26.29
N GLU C 27 2.48 -22.85 -27.48
CA GLU C 27 1.68 -21.63 -27.66
C GLU C 27 0.21 -21.92 -27.97
N CYS C 28 -0.69 -21.18 -27.30
CA CYS C 28 -2.12 -21.15 -27.61
C CYS C 28 -2.43 -19.74 -28.08
N PRO C 29 -2.57 -19.52 -29.40
CA PRO C 29 -2.92 -18.14 -29.80
C PRO C 29 -4.34 -17.80 -29.36
N VAL C 30 -4.50 -16.63 -28.76
CA VAL C 30 -5.79 -16.24 -28.17
C VAL C 30 -6.16 -14.89 -28.75
N LYS C 31 -7.36 -14.80 -29.29
CA LYS C 31 -7.93 -13.51 -29.64
C LYS C 31 -8.94 -13.11 -28.59
N TYR C 32 -8.70 -11.96 -27.97
CA TYR C 32 -9.63 -11.41 -26.99
C TYR C 32 -9.54 -9.88 -27.09
N CYS C 33 -10.54 -9.18 -26.56
CA CYS C 33 -10.50 -7.74 -26.72
C CYS C 33 -10.27 -6.87 -25.48
N ALA C 34 -10.84 -7.23 -24.34
CA ALA C 34 -10.66 -6.41 -23.13
C ALA C 34 -10.47 -7.23 -21.87
N ASN C 35 -11.24 -8.30 -21.77
CA ASN C 35 -11.43 -9.12 -20.58
C ASN C 35 -10.68 -10.44 -20.86
N ARG C 36 -9.40 -10.48 -20.49
CA ARG C 36 -8.53 -11.63 -20.84
C ARG C 36 -9.06 -12.95 -20.25
N PRO C 37 -9.33 -13.96 -21.11
CA PRO C 37 -9.92 -15.19 -20.63
C PRO C 37 -9.01 -16.01 -19.73
N HIS C 38 -9.67 -16.81 -18.90
CA HIS C 38 -9.01 -17.79 -18.06
C HIS C 38 -8.76 -19.05 -18.89
N VAL C 39 -7.60 -19.08 -19.54
CA VAL C 39 -7.23 -20.19 -20.44
C VAL C 39 -6.56 -21.31 -19.65
N THR C 40 -6.97 -22.55 -19.94
CA THR C 40 -6.37 -23.73 -19.34
C THR C 40 -5.87 -24.65 -20.46
N TRP C 41 -4.99 -25.59 -20.08
CA TRP C 41 -4.45 -26.58 -20.99
C TRP C 41 -4.93 -27.95 -20.57
N CYS C 42 -5.18 -28.79 -21.56
CA CYS C 42 -5.52 -30.19 -21.34
C CYS C 42 -4.76 -31.06 -22.33
N LYS C 43 -4.55 -32.32 -21.92
CA LYS C 43 -3.88 -33.32 -22.75
C LYS C 43 -4.85 -34.46 -23.04
N LEU C 44 -4.88 -34.88 -24.30
CA LEU C 44 -5.82 -35.90 -24.76
C LEU C 44 -5.44 -37.28 -24.23
N ASN C 45 -6.39 -37.91 -23.55
CA ASN C 45 -6.32 -39.33 -23.19
C ASN C 45 -7.50 -40.02 -23.87
N GLY C 46 -7.26 -40.51 -25.09
CA GLY C 46 -8.31 -41.06 -25.94
C GLY C 46 -9.31 -40.00 -26.39
N THR C 47 -10.54 -40.12 -25.88
CA THR C 47 -11.64 -39.20 -26.19
C THR C 47 -11.66 -37.99 -25.26
N THR C 48 -11.09 -38.14 -24.07
CA THR C 48 -11.09 -37.10 -23.02
C THR C 48 -9.88 -36.16 -23.12
N CYS C 49 -10.15 -34.85 -23.05
CA CYS C 49 -9.10 -33.86 -22.82
C CYS C 49 -9.03 -33.59 -21.32
N VAL C 50 -7.99 -34.13 -20.68
CA VAL C 50 -7.83 -34.06 -19.22
C VAL C 50 -7.01 -32.84 -18.81
N LYS C 51 -7.64 -31.97 -18.01
CA LYS C 51 -7.04 -30.70 -17.58
C LYS C 51 -5.73 -30.92 -16.85
N LEU C 52 -4.73 -30.14 -17.25
CA LEU C 52 -3.40 -30.21 -16.63
C LEU C 52 -3.35 -29.32 -15.39
N GLU C 53 -2.91 -29.92 -14.28
CA GLU C 53 -2.91 -29.26 -12.97
C GLU C 53 -1.50 -28.93 -12.54
N ASP C 54 -1.35 -27.84 -11.77
CA ASP C 54 -0.07 -27.41 -11.19
C ASP C 54 1.09 -27.34 -12.20
N ARG C 55 0.81 -26.80 -13.38
CA ARG C 55 1.82 -26.59 -14.41
C ARG C 55 2.20 -25.10 -14.49
N GLN C 56 3.39 -24.81 -15.00
CA GLN C 56 3.85 -23.44 -15.21
C GLN C 56 3.25 -22.83 -16.51
N THR C 57 2.54 -21.71 -16.37
CA THR C 57 1.91 -21.03 -17.51
C THR C 57 2.28 -19.56 -17.53
N SER C 58 2.16 -18.93 -18.69
CA SER C 58 2.33 -17.48 -18.78
C SER C 58 1.66 -16.90 -20.00
N TRP C 59 1.65 -15.57 -20.08
CA TRP C 59 1.14 -14.86 -21.26
C TRP C 59 2.28 -14.19 -22.00
N LYS C 60 2.19 -14.24 -23.33
CA LYS C 60 3.13 -13.63 -24.24
C LYS C 60 2.34 -12.78 -25.24
N GLU C 61 2.92 -11.66 -25.62
CA GLU C 61 2.39 -10.84 -26.68
C GLU C 61 3.54 -10.52 -27.63
N GLU C 62 3.30 -10.73 -28.93
CA GLU C 62 4.32 -10.51 -29.93
C GLU C 62 3.65 -10.09 -31.24
N LYS C 63 4.01 -8.90 -31.74
CA LYS C 63 3.47 -8.33 -32.99
C LYS C 63 1.94 -8.37 -33.05
N ASN C 64 1.31 -7.83 -32.01
CA ASN C 64 -0.15 -7.78 -31.87
C ASN C 64 -0.85 -9.15 -31.83
N ILE C 65 -0.08 -10.20 -31.52
CA ILE C 65 -0.68 -11.51 -31.25
C ILE C 65 -0.44 -11.86 -29.78
N SER C 66 -1.49 -12.35 -29.13
CA SER C 66 -1.48 -12.78 -27.73
C SER C 66 -1.39 -14.29 -27.74
N PHE C 67 -0.50 -14.85 -26.90
CA PHE C 67 -0.37 -16.30 -26.75
C PHE C 67 -0.45 -16.67 -25.28
N PHE C 68 -1.15 -17.78 -24.97
CA PHE C 68 -1.08 -18.39 -23.64
C PHE C 68 -0.11 -19.56 -23.75
N ILE C 69 0.83 -19.62 -22.81
CA ILE C 69 1.95 -20.56 -22.91
C ILE C 69 1.91 -21.64 -21.85
N LEU C 70 2.13 -22.90 -22.28
CA LEU C 70 2.45 -24.00 -21.39
C LEU C 70 3.97 -24.24 -21.43
N HIS C 71 4.62 -24.15 -20.28
CA HIS C 71 6.06 -24.34 -20.17
C HIS C 71 6.42 -25.79 -19.87
N PHE C 72 7.45 -26.27 -20.55
CA PHE C 72 8.04 -27.59 -20.31
C PHE C 72 9.50 -27.31 -19.97
N GLU C 73 9.86 -27.60 -18.71
CA GLU C 73 11.15 -27.19 -18.13
C GLU C 73 11.80 -28.34 -17.31
N PRO C 74 12.38 -29.35 -17.98
CA PRO C 74 12.43 -29.43 -19.44
C PRO C 74 11.41 -30.45 -19.96
N VAL C 75 11.27 -30.52 -21.28
CA VAL C 75 10.52 -31.59 -21.94
C VAL C 75 11.06 -32.95 -21.46
N LEU C 76 10.14 -33.87 -21.22
CA LEU C 76 10.47 -35.27 -20.96
C LEU C 76 9.85 -36.14 -22.07
N PRO C 77 10.39 -37.37 -22.29
CA PRO C 77 9.83 -38.25 -23.34
C PRO C 77 8.31 -38.43 -23.31
N ASN C 78 7.77 -38.57 -22.09
CA ASN C 78 6.34 -38.81 -21.82
C ASN C 78 5.42 -37.61 -22.08
N ASP C 79 6.04 -36.44 -22.32
CA ASP C 79 5.28 -35.25 -22.73
C ASP C 79 4.72 -35.39 -24.14
N ASN C 80 5.17 -36.42 -24.87
CA ASN C 80 4.61 -36.78 -26.16
C ASN C 80 3.08 -36.89 -26.10
N GLY C 81 2.41 -36.32 -27.10
CA GLY C 81 0.95 -36.40 -27.21
C GLY C 81 0.26 -35.20 -27.82
N SER C 82 -1.05 -35.14 -27.59
CA SER C 82 -1.93 -34.12 -28.17
C SER C 82 -2.55 -33.24 -27.10
N TYR C 83 -2.41 -31.93 -27.28
CA TYR C 83 -2.80 -30.94 -26.26
C TYR C 83 -3.84 -29.97 -26.80
N ARG C 84 -4.75 -29.49 -25.95
CA ARG C 84 -5.66 -28.41 -26.32
C ARG C 84 -5.68 -27.31 -25.26
N CYS C 85 -5.93 -26.08 -25.69
CA CYS C 85 -6.25 -24.99 -24.75
C CYS C 85 -7.76 -24.75 -24.76
N SER C 86 -8.28 -24.28 -23.63
CA SER C 86 -9.72 -24.10 -23.41
C SER C 86 -9.99 -22.85 -22.59
N ALA C 87 -11.17 -22.25 -22.78
CA ALA C 87 -11.53 -21.08 -22.00
C ALA C 87 -13.04 -20.94 -21.95
N ASN C 88 -13.55 -20.46 -20.81
CA ASN C 88 -14.93 -20.00 -20.72
C ASN C 88 -15.08 -18.60 -21.32
N PHE C 89 -16.09 -18.43 -22.16
CA PHE C 89 -16.44 -17.10 -22.63
C PHE C 89 -17.95 -16.98 -22.60
N GLN C 90 -18.42 -16.01 -21.81
CA GLN C 90 -19.83 -15.86 -21.46
C GLN C 90 -20.28 -17.21 -20.89
N SER C 91 -21.20 -17.90 -21.55
CA SER C 91 -21.60 -19.22 -21.07
C SER C 91 -21.14 -20.36 -21.96
N ASN C 92 -20.20 -20.05 -22.85
CA ASN C 92 -19.62 -21.04 -23.76
C ASN C 92 -18.28 -21.56 -23.30
N LEU C 93 -18.06 -22.85 -23.51
CA LEU C 93 -16.73 -23.45 -23.37
C LEU C 93 -16.10 -23.48 -24.75
N ILE C 94 -15.03 -22.72 -24.92
CA ILE C 94 -14.28 -22.71 -26.19
C ILE C 94 -13.13 -23.71 -26.05
N GLU C 95 -12.96 -24.57 -27.06
CA GLU C 95 -11.84 -25.53 -27.09
C GLU C 95 -11.13 -25.42 -28.42
N SER C 96 -9.80 -25.28 -28.37
CA SER C 96 -8.99 -25.17 -29.56
C SER C 96 -8.90 -26.52 -30.26
N HIS C 97 -8.48 -26.51 -31.53
CA HIS C 97 -7.99 -27.73 -32.18
C HIS C 97 -6.80 -28.26 -31.38
N SER C 98 -6.52 -29.55 -31.50
CA SER C 98 -5.35 -30.10 -30.79
C SER C 98 -4.03 -29.77 -31.48
N THR C 99 -2.98 -29.66 -30.67
CA THR C 99 -1.61 -29.55 -31.19
C THR C 99 -0.83 -30.75 -30.68
N THR C 100 0.00 -31.34 -31.54
CA THR C 100 0.67 -32.59 -31.22
C THR C 100 2.17 -32.39 -30.96
N LEU C 101 2.65 -33.00 -29.88
CA LEU C 101 4.06 -32.93 -29.49
C LEU C 101 4.79 -34.22 -29.81
N TYR C 102 5.98 -34.08 -30.42
CA TYR C 102 6.86 -35.22 -30.71
C TYR C 102 8.23 -35.02 -30.06
N VAL C 103 8.51 -35.83 -29.04
CA VAL C 103 9.72 -35.69 -28.21
C VAL C 103 10.79 -36.67 -28.69
N THR C 104 11.99 -36.16 -28.98
CA THR C 104 13.10 -37.02 -29.41
C THR C 104 13.93 -37.46 -28.19
N ASP C 105 13.71 -38.72 -27.79
CA ASP C 105 14.37 -39.34 -26.64
C ASP C 105 15.76 -39.83 -27.02
#